data_2LX6
#
_entry.id   2LX6
#
_entity_poly.entity_id   1
_entity_poly.type   'polypeptide(L)'
_entity_poly.pdbx_seq_one_letter_code
;GAFVGQPEAVNPLGREIQG
;
_entity_poly.pdbx_strand_id   A
#
# COMPACT_ATOMS: atom_id res chain seq x y z
N GLY A 1 1.55 3.12 2.13
CA GLY A 1 2.65 3.81 2.79
C GLY A 1 3.21 3.12 4.02
N ALA A 2 3.55 1.81 3.96
CA ALA A 2 4.18 1.12 5.09
C ALA A 2 4.94 -0.08 4.54
N PHE A 3 5.56 -0.92 5.39
CA PHE A 3 6.41 -1.99 4.88
C PHE A 3 5.66 -3.03 4.06
N VAL A 4 4.36 -3.30 4.31
CA VAL A 4 3.69 -4.40 3.61
C VAL A 4 2.19 -4.20 3.57
N GLY A 5 1.49 -4.73 2.54
CA GLY A 5 0.03 -4.60 2.48
C GLY A 5 -0.48 -4.63 1.06
N GLN A 6 -0.93 -3.49 0.48
CA GLN A 6 -1.51 -3.49 -0.87
C GLN A 6 -1.29 -2.12 -1.48
N PRO A 7 -1.33 -1.85 -2.82
CA PRO A 7 -0.96 -0.52 -3.29
C PRO A 7 -1.77 0.57 -2.64
N GLU A 8 -1.12 1.64 -2.12
CA GLU A 8 -1.87 2.71 -1.47
C GLU A 8 -2.65 3.44 -2.54
N ALA A 9 -1.98 3.98 -3.58
CA ALA A 9 -2.69 4.69 -4.65
C ALA A 9 -3.20 3.69 -5.67
N VAL A 10 -2.30 2.93 -6.33
CA VAL A 10 -2.71 2.00 -7.39
C VAL A 10 -1.50 1.21 -7.88
N ASN A 11 -0.39 1.89 -8.25
CA ASN A 11 0.84 1.17 -8.58
C ASN A 11 1.44 0.79 -7.24
N PRO A 12 2.12 -0.37 -7.01
CA PRO A 12 2.67 -0.65 -5.69
C PRO A 12 3.84 0.25 -5.35
N LEU A 13 3.56 1.53 -5.01
CA LEU A 13 4.59 2.42 -4.49
C LEU A 13 4.59 2.24 -2.98
N GLY A 14 3.44 2.46 -2.30
CA GLY A 14 3.35 2.30 -0.85
C GLY A 14 2.55 1.05 -0.55
N ARG A 15 2.89 0.30 0.52
CA ARG A 15 2.16 -0.93 0.86
C ARG A 15 1.57 -0.84 2.26
N GLU A 16 0.29 -0.41 2.42
CA GLU A 16 -0.41 -0.50 3.71
C GLU A 16 -1.64 -1.35 3.51
N ILE A 17 -2.18 -1.96 4.59
CA ILE A 17 -3.53 -2.54 4.53
C ILE A 17 -4.45 -1.43 5.01
N GLN A 18 -5.65 -1.24 4.42
CA GLN A 18 -6.50 -0.10 4.78
C GLN A 18 -7.95 -0.49 4.66
N GLY A 19 -8.89 0.29 5.25
CA GLY A 19 -10.30 -0.06 5.12
C GLY A 19 -10.74 0.11 3.69
N GLY A 1 1.55 3.12 2.14
CA GLY A 1 2.66 3.81 2.80
C GLY A 1 3.21 3.12 4.05
N ALA A 2 3.56 1.82 3.97
CA ALA A 2 4.18 1.11 5.09
C ALA A 2 4.95 -0.08 4.54
N PHE A 3 5.57 -0.93 5.39
CA PHE A 3 6.42 -2.00 4.87
C PHE A 3 5.67 -3.03 4.05
N VAL A 4 4.36 -3.29 4.30
CA VAL A 4 3.70 -4.39 3.61
C VAL A 4 2.19 -4.19 3.56
N GLY A 5 1.48 -4.72 2.53
CA GLY A 5 0.03 -4.59 2.48
C GLY A 5 -0.48 -4.62 1.05
N GLN A 6 -0.93 -3.48 0.48
CA GLN A 6 -1.50 -3.48 -0.88
C GLN A 6 -1.29 -2.11 -1.48
N PRO A 7 -1.31 -1.84 -2.82
CA PRO A 7 -0.96 -0.51 -3.30
C PRO A 7 -1.76 0.58 -2.64
N GLU A 8 -1.11 1.65 -2.10
CA GLU A 8 -1.86 2.72 -1.46
C GLU A 8 -2.65 3.44 -2.53
N ALA A 9 -1.97 3.99 -3.57
CA ALA A 9 -2.69 4.69 -4.64
C ALA A 9 -3.20 3.69 -5.65
N VAL A 10 -2.30 2.94 -6.32
CA VAL A 10 -2.71 2.00 -7.37
C VAL A 10 -1.51 1.23 -7.87
N ASN A 11 -0.39 1.90 -8.24
CA ASN A 11 0.84 1.17 -8.57
C ASN A 11 1.44 0.79 -7.23
N PRO A 12 2.13 -0.36 -7.01
CA PRO A 12 2.68 -0.64 -5.69
C PRO A 12 3.84 0.26 -5.34
N LEU A 13 3.56 1.54 -5.00
CA LEU A 13 4.60 2.42 -4.47
C LEU A 13 4.59 2.26 -2.97
N GLY A 14 3.43 2.48 -2.29
CA GLY A 14 3.35 2.31 -0.84
C GLY A 14 2.55 1.07 -0.55
N ARG A 15 2.89 0.30 0.51
CA ARG A 15 2.17 -0.91 0.85
C ARG A 15 1.57 -0.84 2.26
N GLU A 16 0.29 -0.41 2.42
CA GLU A 16 -0.41 -0.50 3.71
C GLU A 16 -1.64 -1.36 3.51
N ILE A 17 -2.18 -1.98 4.58
CA ILE A 17 -3.53 -2.54 4.52
C ILE A 17 -4.44 -1.43 5.00
N GLN A 18 -5.64 -1.25 4.40
CA GLN A 18 -6.48 -0.10 4.76
C GLN A 18 -7.94 -0.49 4.63
N GLY A 19 -8.88 0.30 5.21
CA GLY A 19 -10.29 -0.05 5.11
C GLY A 19 -10.73 0.12 3.68
N GLY A 1 1.62 3.05 2.06
CA GLY A 1 2.78 3.69 2.69
C GLY A 1 3.34 3.05 3.96
N ALA A 2 3.49 1.70 4.03
CA ALA A 2 4.16 1.05 5.15
C ALA A 2 4.95 -0.11 4.59
N PHE A 3 5.51 -1.02 5.42
CA PHE A 3 6.41 -2.05 4.88
C PHE A 3 5.69 -3.12 4.08
N VAL A 4 4.39 -3.40 4.32
CA VAL A 4 3.74 -4.51 3.62
C VAL A 4 2.24 -4.30 3.57
N GLY A 5 1.52 -4.80 2.52
CA GLY A 5 0.07 -4.63 2.47
C GLY A 5 -0.43 -4.64 1.05
N GLN A 6 -0.88 -3.50 0.48
CA GLN A 6 -1.51 -3.50 -0.85
C GLN A 6 -1.29 -2.14 -1.49
N PRO A 7 -1.39 -1.87 -2.82
CA PRO A 7 -1.00 -0.56 -3.33
C PRO A 7 -1.77 0.56 -2.67
N GLU A 8 -1.10 1.62 -2.19
CA GLU A 8 -1.82 2.72 -1.55
C GLU A 8 -2.61 3.45 -2.60
N ALA A 9 -1.96 4.00 -3.65
CA ALA A 9 -2.71 4.69 -4.70
C ALA A 9 -3.20 3.69 -5.72
N VAL A 10 -2.29 2.97 -6.41
CA VAL A 10 -2.70 2.03 -7.46
C VAL A 10 -1.49 1.26 -7.97
N ASN A 11 -0.38 1.95 -8.36
CA ASN A 11 0.85 1.25 -8.70
C ASN A 11 1.43 0.82 -7.37
N PRO A 12 2.12 -0.34 -7.18
CA PRO A 12 2.63 -0.67 -5.86
C PRO A 12 3.80 0.20 -5.46
N LEU A 13 3.54 1.49 -5.13
CA LEU A 13 4.57 2.34 -4.57
C LEU A 13 4.57 2.11 -3.07
N GLY A 14 3.40 2.30 -2.40
CA GLY A 14 3.33 2.14 -0.96
C GLY A 14 2.57 0.88 -0.62
N ARG A 15 2.80 0.30 0.57
CA ARG A 15 2.15 -0.96 0.96
C ARG A 15 1.50 -0.85 2.34
N GLU A 16 0.25 -0.37 2.47
CA GLU A 16 -0.48 -0.39 3.75
C GLU A 16 -1.74 -1.21 3.56
N ILE A 17 -2.20 -1.97 4.59
CA ILE A 17 -3.56 -2.53 4.55
C ILE A 17 -4.47 -1.44 5.06
N GLN A 18 -5.68 -1.27 4.48
CA GLN A 18 -6.56 -0.17 4.89
C GLN A 18 -8.01 -0.58 4.71
N GLY A 19 -8.98 0.14 5.31
CA GLY A 19 -10.38 -0.23 5.13
C GLY A 19 -10.77 -0.02 3.69
N GLY A 1 1.58 3.08 2.11
CA GLY A 1 2.70 3.76 2.76
C GLY A 1 3.26 3.09 4.02
N ALA A 2 3.51 1.76 4.02
CA ALA A 2 4.16 1.09 5.13
C ALA A 2 4.94 -0.10 4.59
N PHE A 3 5.54 -0.96 5.43
CA PHE A 3 6.40 -2.01 4.89
C PHE A 3 5.67 -3.06 4.09
N VAL A 4 4.36 -3.33 4.32
CA VAL A 4 3.70 -4.43 3.61
C VAL A 4 2.20 -4.22 3.57
N GLY A 5 1.50 -4.73 2.53
CA GLY A 5 0.04 -4.58 2.48
C GLY A 5 -0.47 -4.62 1.05
N GLN A 6 -0.91 -3.48 0.46
CA GLN A 6 -1.50 -3.48 -0.88
C GLN A 6 -1.29 -2.12 -1.50
N PRO A 7 -1.34 -1.86 -2.84
CA PRO A 7 -0.98 -0.54 -3.33
C PRO A 7 -1.76 0.57 -2.68
N GLU A 8 -1.10 1.62 -2.16
CA GLU A 8 -1.85 2.71 -1.50
C GLU A 8 -2.63 3.44 -2.56
N ALA A 9 -1.96 3.99 -3.61
CA ALA A 9 -2.69 4.69 -4.66
C ALA A 9 -3.21 3.70 -5.68
N VAL A 10 -2.30 2.95 -6.37
CA VAL A 10 -2.71 2.02 -7.42
C VAL A 10 -1.51 1.25 -7.92
N ASN A 11 -0.40 1.93 -8.30
CA ASN A 11 0.84 1.21 -8.63
C ASN A 11 1.43 0.81 -7.30
N PRO A 12 2.11 -0.35 -7.09
CA PRO A 12 2.64 -0.66 -5.78
C PRO A 12 3.81 0.23 -5.41
N LEU A 13 3.54 1.52 -5.08
CA LEU A 13 4.58 2.39 -4.53
C LEU A 13 4.58 2.20 -3.03
N GLY A 14 3.42 2.41 -2.36
CA GLY A 14 3.34 2.24 -0.90
C GLY A 14 2.57 0.98 -0.59
N ARG A 15 2.86 0.31 0.55
CA ARG A 15 2.17 -0.92 0.90
C ARG A 15 1.55 -0.83 2.30
N GLU A 16 0.28 -0.39 2.44
CA GLU A 16 -0.43 -0.47 3.73
C GLU A 16 -1.67 -1.31 3.53
N ILE A 17 -2.18 -1.99 4.59
CA ILE A 17 -3.52 -2.56 4.53
C ILE A 17 -4.44 -1.46 5.02
N GLN A 18 -5.65 -1.29 4.44
CA GLN A 18 -6.51 -0.17 4.83
C GLN A 18 -7.96 -0.56 4.69
N GLY A 19 -8.91 0.20 5.30
CA GLY A 19 -10.31 -0.17 5.17
C GLY A 19 -10.75 0.02 3.75
N GLY A 1 1.56 3.13 2.13
CA GLY A 1 2.68 3.81 2.78
C GLY A 1 3.23 3.13 4.04
N ALA A 2 3.56 1.82 3.97
CA ALA A 2 4.19 1.12 5.09
C ALA A 2 4.94 -0.09 4.55
N PHE A 3 5.55 -0.94 5.40
CA PHE A 3 6.40 -2.00 4.88
C PHE A 3 5.65 -3.03 4.06
N VAL A 4 4.35 -3.31 4.31
CA VAL A 4 3.68 -4.40 3.61
C VAL A 4 2.18 -4.20 3.58
N GLY A 5 1.46 -4.73 2.54
CA GLY A 5 0.01 -4.60 2.49
C GLY A 5 -0.50 -4.62 1.07
N GLN A 6 -0.94 -3.47 0.49
CA GLN A 6 -1.52 -3.47 -0.86
C GLN A 6 -1.30 -2.10 -1.48
N PRO A 7 -1.34 -1.83 -2.81
CA PRO A 7 -0.96 -0.51 -3.30
C PRO A 7 -1.76 0.60 -2.64
N GLU A 8 -1.11 1.65 -2.10
CA GLU A 8 -1.86 2.73 -1.47
C GLU A 8 -2.64 3.46 -2.54
N ALA A 9 -1.96 4.00 -3.59
CA ALA A 9 -2.69 4.71 -4.64
C ALA A 9 -3.20 3.70 -5.65
N VAL A 10 -2.30 2.94 -6.33
CA VAL A 10 -2.71 2.01 -7.38
C VAL A 10 -1.52 1.23 -7.87
N ASN A 11 -0.39 1.90 -8.24
CA ASN A 11 0.83 1.17 -8.57
C ASN A 11 1.43 0.79 -7.24
N PRO A 12 2.12 -0.36 -7.02
CA PRO A 12 2.66 -0.66 -5.70
C PRO A 12 3.83 0.24 -5.35
N LEU A 13 3.55 1.52 -5.01
CA LEU A 13 4.59 2.40 -4.48
C LEU A 13 4.59 2.22 -2.98
N GLY A 14 3.44 2.45 -2.30
CA GLY A 14 3.36 2.29 -0.86
C GLY A 14 2.55 1.04 -0.55
N ARG A 15 2.90 0.29 0.52
CA ARG A 15 2.18 -0.93 0.86
C ARG A 15 1.58 -0.84 2.27
N GLU A 16 0.31 -0.40 2.43
CA GLU A 16 -0.39 -0.47 3.71
C GLU A 16 -1.62 -1.35 3.53
N ILE A 17 -2.15 -1.96 4.62
CA ILE A 17 -3.49 -2.54 4.55
C ILE A 17 -4.42 -1.43 5.00
N GLN A 18 -5.61 -1.26 4.38
CA GLN A 18 -6.47 -0.12 4.71
C GLN A 18 -7.92 -0.52 4.57
N GLY A 19 -8.87 0.27 5.13
CA GLY A 19 -10.28 -0.10 5.00
C GLY A 19 -10.70 0.06 3.55
N GLY A 1 1.62 3.07 2.08
CA GLY A 1 2.76 3.73 2.71
C GLY A 1 3.32 3.07 3.97
N ALA A 2 3.50 1.73 4.01
CA ALA A 2 4.17 1.07 5.15
C ALA A 2 4.94 -0.11 4.58
N PHE A 3 5.51 -1.01 5.41
CA PHE A 3 6.40 -2.05 4.88
C PHE A 3 5.66 -3.10 4.08
N VAL A 4 4.35 -3.37 4.32
CA VAL A 4 3.69 -4.48 3.63
C VAL A 4 2.19 -4.27 3.58
N GLY A 5 1.48 -4.76 2.55
CA GLY A 5 0.02 -4.59 2.49
C GLY A 5 -0.49 -4.62 1.07
N GLN A 6 -0.93 -3.46 0.49
CA GLN A 6 -1.54 -3.47 -0.85
C GLN A 6 -1.31 -2.11 -1.49
N PRO A 7 -1.40 -1.84 -2.82
CA PRO A 7 -1.00 -0.54 -3.32
C PRO A 7 -1.77 0.58 -2.67
N GLU A 8 -1.10 1.65 -2.18
CA GLU A 8 -1.82 2.74 -1.52
C GLU A 8 -2.60 3.47 -2.58
N ALA A 9 -1.95 4.01 -3.64
CA ALA A 9 -2.68 4.71 -4.69
C ALA A 9 -3.20 3.71 -5.71
N VAL A 10 -2.29 2.98 -6.39
CA VAL A 10 -2.70 2.04 -7.44
C VAL A 10 -1.50 1.26 -7.94
N ASN A 11 -0.39 1.95 -8.33
CA ASN A 11 0.83 1.23 -8.67
C ASN A 11 1.43 0.81 -7.34
N PRO A 12 2.10 -0.36 -7.14
CA PRO A 12 2.63 -0.68 -5.82
C PRO A 12 3.80 0.20 -5.44
N LEU A 13 3.54 1.49 -5.10
CA LEU A 13 4.58 2.35 -4.55
C LEU A 13 4.58 2.13 -3.06
N GLY A 14 3.42 2.34 -2.38
CA GLY A 14 3.34 2.18 -0.93
C GLY A 14 2.57 0.93 -0.61
N ARG A 15 2.84 0.30 0.56
CA ARG A 15 2.15 -0.94 0.94
C ARG A 15 1.54 -0.85 2.33
N GLU A 16 0.28 -0.36 2.47
CA GLU A 16 -0.45 -0.40 3.76
C GLU A 16 -1.68 -1.24 3.57
N ILE A 17 -2.17 -1.96 4.61
CA ILE A 17 -3.51 -2.52 4.57
C ILE A 17 -4.43 -1.42 5.04
N GLN A 18 -5.65 -1.26 4.46
CA GLN A 18 -6.52 -0.15 4.84
C GLN A 18 -7.96 -0.57 4.68
N GLY A 19 -8.93 0.18 5.28
CA GLY A 19 -10.33 -0.18 5.11
C GLY A 19 -10.82 0.30 3.78
N GLY A 1 1.54 3.14 2.14
CA GLY A 1 2.64 3.84 2.81
C GLY A 1 3.18 3.13 4.04
N ALA A 2 3.57 1.84 3.94
CA ALA A 2 4.18 1.13 5.07
C ALA A 2 4.93 -0.07 4.52
N PHE A 3 5.56 -0.91 5.38
CA PHE A 3 6.41 -1.99 4.86
C PHE A 3 5.65 -3.01 4.04
N VAL A 4 4.35 -3.29 4.30
CA VAL A 4 3.68 -4.39 3.60
C VAL A 4 2.18 -4.19 3.57
N GLY A 5 1.47 -4.73 2.53
CA GLY A 5 0.02 -4.61 2.49
C GLY A 5 -0.50 -4.62 1.06
N GLN A 6 -0.95 -3.48 0.49
CA GLN A 6 -1.52 -3.47 -0.86
C GLN A 6 -1.30 -2.10 -1.46
N PRO A 7 -1.32 -1.83 -2.80
CA PRO A 7 -0.96 -0.50 -3.28
C PRO A 7 -1.77 0.60 -2.63
N GLU A 8 -1.12 1.66 -2.08
CA GLU A 8 -1.89 2.73 -1.45
C GLU A 8 -2.66 3.46 -2.52
N ALA A 9 -1.99 4.00 -3.56
CA ALA A 9 -2.70 4.70 -4.62
C ALA A 9 -3.21 3.71 -5.64
N VAL A 10 -2.32 2.95 -6.30
CA VAL A 10 -2.73 2.01 -7.35
C VAL A 10 -1.51 1.23 -7.85
N ASN A 11 -0.40 1.90 -8.21
CA ASN A 11 0.82 1.16 -8.54
C ASN A 11 1.44 0.80 -7.20
N PRO A 12 2.12 -0.36 -6.99
CA PRO A 12 2.67 -0.64 -5.66
C PRO A 12 3.84 0.26 -5.32
N LEU A 13 3.55 1.54 -4.97
CA LEU A 13 4.59 2.43 -4.45
C LEU A 13 4.58 2.26 -2.94
N GLY A 14 3.43 2.49 -2.27
CA GLY A 14 3.34 2.32 -0.82
C GLY A 14 2.54 1.08 -0.53
N ARG A 15 2.89 0.29 0.52
CA ARG A 15 2.16 -0.92 0.84
C ARG A 15 1.57 -0.84 2.25
N GLU A 16 0.29 -0.41 2.41
CA GLU A 16 -0.40 -0.49 3.71
C GLU A 16 -1.61 -1.37 3.52
N ILE A 17 -2.14 -2.01 4.60
CA ILE A 17 -3.48 -2.59 4.55
C ILE A 17 -4.41 -1.48 4.98
N GLN A 18 -5.60 -1.31 4.36
CA GLN A 18 -6.46 -0.18 4.69
C GLN A 18 -7.91 -0.57 4.54
N GLY A 19 -8.86 0.21 5.10
CA GLY A 19 -10.27 -0.14 4.97
C GLY A 19 -10.68 -0.02 3.53
N GLY A 1 1.65 3.08 2.06
CA GLY A 1 2.84 3.71 2.67
C GLY A 1 3.40 3.08 3.93
N ALA A 2 3.53 1.73 4.04
CA ALA A 2 4.20 1.09 5.17
C ALA A 2 5.00 -0.06 4.60
N PHE A 3 5.46 -1.05 5.39
CA PHE A 3 6.38 -2.07 4.86
C PHE A 3 5.67 -3.14 4.05
N VAL A 4 4.38 -3.46 4.32
CA VAL A 4 3.74 -4.57 3.61
C VAL A 4 2.23 -4.36 3.57
N GLY A 5 1.52 -4.82 2.51
CA GLY A 5 0.08 -4.65 2.46
C GLY A 5 -0.45 -4.64 1.03
N GLN A 6 -0.86 -3.47 0.47
CA GLN A 6 -1.52 -3.45 -0.83
C GLN A 6 -1.27 -2.09 -1.48
N PRO A 7 -1.41 -1.84 -2.81
CA PRO A 7 -1.01 -0.54 -3.34
C PRO A 7 -1.77 0.60 -2.68
N GLU A 8 -1.07 1.64 -2.17
CA GLU A 8 -1.78 2.74 -1.54
C GLU A 8 -2.57 3.48 -2.59
N ALA A 9 -1.93 4.00 -3.66
CA ALA A 9 -2.68 4.69 -4.70
C ALA A 9 -3.18 3.69 -5.72
N VAL A 10 -2.28 2.96 -6.42
CA VAL A 10 -2.70 2.02 -7.47
C VAL A 10 -1.49 1.25 -7.98
N ASN A 11 -0.38 1.93 -8.39
CA ASN A 11 0.84 1.21 -8.74
C ASN A 11 1.42 0.77 -7.41
N PRO A 12 2.10 -0.40 -7.23
CA PRO A 12 2.61 -0.75 -5.92
C PRO A 12 3.78 0.13 -5.51
N LEU A 13 3.53 1.41 -5.18
CA LEU A 13 4.56 2.27 -4.60
C LEU A 13 4.52 2.04 -3.11
N GLY A 14 3.35 2.22 -2.46
CA GLY A 14 3.25 2.09 -1.00
C GLY A 14 2.53 0.82 -0.65
N ARG A 15 2.74 0.30 0.58
CA ARG A 15 2.14 -0.95 1.01
C ARG A 15 1.48 -0.83 2.38
N GLU A 16 0.21 -0.35 2.49
CA GLU A 16 -0.52 -0.33 3.77
C GLU A 16 -1.81 -1.11 3.60
N ILE A 17 -2.19 -2.00 4.55
CA ILE A 17 -3.56 -2.54 4.54
C ILE A 17 -4.46 -1.44 5.05
N GLN A 18 -5.67 -1.26 4.47
CA GLN A 18 -6.55 -0.16 4.89
C GLN A 18 -8.00 -0.58 4.69
N GLY A 19 -8.97 0.12 5.31
CA GLY A 19 -10.37 -0.23 5.10
C GLY A 19 -10.84 0.35 3.79
N GLY A 1 1.63 3.01 2.09
CA GLY A 1 2.77 3.66 2.75
C GLY A 1 3.33 3.01 4.00
N ALA A 2 3.51 1.66 4.05
CA ALA A 2 4.17 1.01 5.17
C ALA A 2 4.97 -0.16 4.60
N PHE A 3 5.59 -1.02 5.44
CA PHE A 3 6.49 -2.04 4.89
C PHE A 3 5.76 -3.11 4.10
N VAL A 4 4.46 -3.39 4.34
CA VAL A 4 3.81 -4.49 3.64
C VAL A 4 2.31 -4.30 3.62
N GLY A 5 1.58 -4.82 2.59
CA GLY A 5 0.13 -4.69 2.56
C GLY A 5 -0.40 -4.74 1.14
N GLN A 6 -0.80 -3.60 0.53
CA GLN A 6 -1.44 -3.62 -0.79
C GLN A 6 -1.29 -2.24 -1.41
N PRO A 7 -1.36 -1.97 -2.75
CA PRO A 7 -0.99 -0.65 -3.24
C PRO A 7 -1.76 0.45 -2.57
N GLU A 8 -1.09 1.57 -2.18
CA GLU A 8 -1.80 2.65 -1.51
C GLU A 8 -2.63 3.38 -2.55
N ALA A 9 -2.00 3.95 -3.60
CA ALA A 9 -2.78 4.64 -4.64
C ALA A 9 -3.27 3.62 -5.65
N VAL A 10 -2.36 2.90 -6.34
CA VAL A 10 -2.76 1.95 -7.38
C VAL A 10 -1.54 1.21 -7.89
N ASN A 11 -0.46 1.92 -8.31
CA ASN A 11 0.79 1.24 -8.65
C ASN A 11 1.39 0.84 -7.33
N PRO A 12 2.09 -0.31 -7.14
CA PRO A 12 2.64 -0.63 -5.83
C PRO A 12 3.80 0.27 -5.46
N LEU A 13 3.53 1.56 -5.14
CA LEU A 13 4.56 2.43 -4.60
C LEU A 13 4.61 2.18 -3.11
N GLY A 14 3.46 2.33 -2.39
CA GLY A 14 3.42 2.13 -0.95
C GLY A 14 2.62 0.88 -0.64
N ARG A 15 2.82 0.29 0.55
CA ARG A 15 2.12 -0.94 0.93
C ARG A 15 1.47 -0.83 2.30
N GLU A 16 0.19 -0.38 2.42
CA GLU A 16 -0.54 -0.42 3.69
C GLU A 16 -1.83 -1.17 3.48
N ILE A 17 -2.31 -1.98 4.46
CA ILE A 17 -3.67 -2.49 4.39
C ILE A 17 -4.58 -1.37 4.84
N GLN A 18 -5.74 -1.15 4.19
CA GLN A 18 -6.60 -0.01 4.55
C GLN A 18 -8.04 -0.38 4.28
N GLY A 19 -9.03 0.36 4.84
CA GLY A 19 -10.43 0.05 4.57
C GLY A 19 -10.81 0.61 3.23
N GLY A 1 1.65 3.00 2.08
CA GLY A 1 2.80 3.64 2.73
C GLY A 1 3.35 2.99 3.98
N ALA A 2 3.50 1.64 4.06
CA ALA A 2 4.17 0.98 5.17
C ALA A 2 4.97 -0.16 4.60
N PHE A 3 5.59 -1.04 5.43
CA PHE A 3 6.49 -2.05 4.88
C PHE A 3 5.78 -3.13 4.10
N VAL A 4 4.48 -3.41 4.33
CA VAL A 4 3.83 -4.52 3.63
C VAL A 4 2.33 -4.34 3.61
N GLY A 5 1.61 -4.85 2.58
CA GLY A 5 0.15 -4.71 2.55
C GLY A 5 -0.39 -4.76 1.14
N GLN A 6 -0.79 -3.62 0.54
CA GLN A 6 -1.44 -3.63 -0.79
C GLN A 6 -1.29 -2.25 -1.39
N PRO A 7 -1.36 -1.98 -2.74
CA PRO A 7 -1.00 -0.66 -3.23
C PRO A 7 -1.77 0.46 -2.57
N GLU A 8 -1.09 1.57 -2.19
CA GLU A 8 -1.80 2.67 -1.52
C GLU A 8 -2.63 3.39 -2.55
N ALA A 9 -2.01 3.96 -3.61
CA ALA A 9 -2.79 4.64 -4.64
C ALA A 9 -3.29 3.62 -5.66
N VAL A 10 -2.36 2.92 -6.35
CA VAL A 10 -2.76 1.95 -7.38
C VAL A 10 -1.52 1.23 -7.90
N ASN A 11 -0.45 1.95 -8.32
CA ASN A 11 0.79 1.27 -8.67
C ASN A 11 1.39 0.85 -7.35
N PRO A 12 2.10 -0.29 -7.18
CA PRO A 12 2.64 -0.62 -5.86
C PRO A 12 3.81 0.27 -5.49
N LEU A 13 3.53 1.56 -5.15
CA LEU A 13 4.56 2.44 -4.61
C LEU A 13 4.60 2.17 -3.12
N GLY A 14 3.45 2.30 -2.42
CA GLY A 14 3.41 2.10 -0.97
C GLY A 14 2.62 0.85 -0.66
N ARG A 15 2.79 0.28 0.56
CA ARG A 15 2.11 -0.95 0.94
C ARG A 15 1.45 -0.84 2.31
N GLU A 16 0.18 -0.38 2.41
CA GLU A 16 -0.56 -0.41 3.69
C GLU A 16 -1.86 -1.15 3.47
N ILE A 17 -2.32 -1.99 4.43
CA ILE A 17 -3.69 -2.50 4.37
C ILE A 17 -4.58 -1.39 4.85
N GLN A 18 -5.75 -1.16 4.21
CA GLN A 18 -6.62 -0.04 4.59
C GLN A 18 -8.06 -0.41 4.30
N GLY A 19 -9.05 0.32 4.87
CA GLY A 19 -10.45 0.01 4.60
C GLY A 19 -10.83 0.58 3.27
N GLY A 1 1.63 3.01 2.10
CA GLY A 1 2.78 3.65 2.75
C GLY A 1 3.33 3.00 4.01
N ALA A 2 3.51 1.66 4.06
CA ALA A 2 4.19 1.00 5.19
C ALA A 2 4.99 -0.15 4.61
N PHE A 3 5.60 -1.02 5.45
CA PHE A 3 6.50 -2.05 4.90
C PHE A 3 5.78 -3.11 4.11
N VAL A 4 4.48 -3.40 4.34
CA VAL A 4 3.83 -4.50 3.63
C VAL A 4 2.32 -4.30 3.60
N GLY A 5 1.60 -4.82 2.58
CA GLY A 5 0.15 -4.70 2.55
C GLY A 5 -0.38 -4.76 1.12
N GLN A 6 -0.78 -3.61 0.52
CA GLN A 6 -1.43 -3.63 -0.80
C GLN A 6 -1.27 -2.25 -1.42
N PRO A 7 -1.35 -1.99 -2.76
CA PRO A 7 -0.98 -0.67 -3.26
C PRO A 7 -1.76 0.45 -2.60
N GLU A 8 -1.08 1.55 -2.18
CA GLU A 8 -1.80 2.63 -1.51
C GLU A 8 -2.62 3.36 -2.55
N ALA A 9 -2.00 3.94 -3.61
CA ALA A 9 -2.77 4.62 -4.64
C ALA A 9 -3.26 3.61 -5.66
N VAL A 10 -2.35 2.90 -6.36
CA VAL A 10 -2.74 1.95 -7.40
C VAL A 10 -1.52 1.22 -7.91
N ASN A 11 -0.44 1.93 -8.32
CA ASN A 11 0.81 1.26 -8.67
C ASN A 11 1.41 0.84 -7.35
N PRO A 12 2.12 -0.29 -7.16
CA PRO A 12 2.65 -0.62 -5.84
C PRO A 12 3.81 0.29 -5.47
N LEU A 13 3.53 1.57 -5.15
CA LEU A 13 4.56 2.45 -4.61
C LEU A 13 4.60 2.20 -3.12
N GLY A 14 3.45 2.33 -2.42
CA GLY A 14 3.40 2.13 -0.97
C GLY A 14 2.62 0.87 -0.66
N ARG A 15 2.79 0.31 0.56
CA ARG A 15 2.12 -0.93 0.93
C ARG A 15 1.45 -0.83 2.30
N GLU A 16 0.16 -0.40 2.40
CA GLU A 16 -0.58 -0.44 3.67
C GLU A 16 -1.89 -1.15 3.45
N ILE A 17 -2.35 -2.01 4.40
CA ILE A 17 -3.73 -2.51 4.33
C ILE A 17 -4.61 -1.39 4.85
N GLN A 18 -5.79 -1.14 4.21
CA GLN A 18 -6.63 -0.02 4.61
C GLN A 18 -8.08 -0.36 4.34
N GLY A 19 -9.05 0.37 4.95
CA GLY A 19 -10.46 0.07 4.67
C GLY A 19 -10.85 0.67 3.35
N GLY A 1 1.62 3.01 2.11
CA GLY A 1 2.75 3.67 2.76
C GLY A 1 3.32 3.02 4.01
N ALA A 2 3.52 1.69 4.05
CA ALA A 2 4.19 1.02 5.17
C ALA A 2 4.99 -0.14 4.61
N PHE A 3 5.62 -0.99 5.44
CA PHE A 3 6.51 -2.01 4.91
C PHE A 3 5.79 -3.08 4.11
N VAL A 4 4.48 -3.36 4.34
CA VAL A 4 3.84 -4.46 3.63
C VAL A 4 2.33 -4.28 3.60
N GLY A 5 1.61 -4.80 2.59
CA GLY A 5 0.15 -4.68 2.54
C GLY A 5 -0.37 -4.75 1.14
N GLN A 6 -0.77 -3.61 0.51
CA GLN A 6 -1.41 -3.64 -0.81
C GLN A 6 -1.26 -2.27 -1.44
N PRO A 7 -1.33 -2.00 -2.77
CA PRO A 7 -0.97 -0.68 -3.27
C PRO A 7 -1.74 0.43 -2.61
N GLU A 8 -1.08 1.54 -2.18
CA GLU A 8 -1.79 2.62 -1.52
C GLU A 8 -2.62 3.35 -2.56
N ALA A 9 -1.99 3.93 -3.62
CA ALA A 9 -2.77 4.62 -4.65
C ALA A 9 -3.25 3.61 -5.66
N VAL A 10 -2.34 2.89 -6.35
CA VAL A 10 -2.74 1.94 -7.40
C VAL A 10 -1.51 1.21 -7.91
N ASN A 11 -0.43 1.91 -8.33
CA ASN A 11 0.81 1.23 -8.66
C ASN A 11 1.42 0.84 -7.33
N PRO A 12 2.13 -0.31 -7.14
CA PRO A 12 2.65 -0.61 -5.81
C PRO A 12 3.82 0.28 -5.45
N LEU A 13 3.55 1.57 -5.14
CA LEU A 13 4.58 2.45 -4.61
C LEU A 13 4.62 2.21 -3.11
N GLY A 14 3.46 2.37 -2.41
CA GLY A 14 3.42 2.16 -0.96
C GLY A 14 2.62 0.92 -0.66
N ARG A 15 2.81 0.32 0.54
CA ARG A 15 2.12 -0.92 0.90
C ARG A 15 1.46 -0.81 2.27
N GLU A 16 0.17 -0.41 2.38
CA GLU A 16 -0.57 -0.45 3.65
C GLU A 16 -1.88 -1.17 3.43
N ILE A 17 -2.37 -2.00 4.39
CA ILE A 17 -3.75 -2.48 4.32
C ILE A 17 -4.61 -1.36 4.85
N GLN A 18 -5.80 -1.10 4.25
CA GLN A 18 -6.62 0.03 4.67
C GLN A 18 -8.08 -0.30 4.46
N GLY A 19 -9.02 0.45 5.07
CA GLY A 19 -10.44 0.14 4.87
C GLY A 19 -10.81 0.47 3.45
N GLY A 1 1.62 3.02 2.12
CA GLY A 1 2.75 3.68 2.77
C GLY A 1 3.31 3.02 4.02
N ALA A 2 3.53 1.69 4.05
CA ALA A 2 4.20 1.02 5.17
C ALA A 2 4.99 -0.14 4.61
N PHE A 3 5.62 -0.99 5.44
CA PHE A 3 6.51 -2.02 4.90
C PHE A 3 5.79 -3.08 4.10
N VAL A 4 4.47 -3.36 4.34
CA VAL A 4 3.82 -4.46 3.63
C VAL A 4 2.32 -4.27 3.60
N GLY A 5 1.61 -4.80 2.58
CA GLY A 5 0.15 -4.67 2.55
C GLY A 5 -0.38 -4.74 1.12
N GLN A 6 -0.79 -3.60 0.51
CA GLN A 6 -1.41 -3.63 -0.82
C GLN A 6 -1.26 -2.24 -1.43
N PRO A 7 -1.33 -1.98 -2.77
CA PRO A 7 -0.97 -0.65 -3.26
C PRO A 7 -1.76 0.46 -2.58
N GLU A 8 -1.08 1.56 -2.16
CA GLU A 8 -1.81 2.64 -1.49
C GLU A 8 -2.63 3.37 -2.54
N ALA A 9 -2.00 3.95 -3.58
CA ALA A 9 -2.77 4.63 -4.62
C ALA A 9 -3.27 3.62 -5.64
N VAL A 10 -2.36 2.89 -6.32
CA VAL A 10 -2.76 1.94 -7.37
C VAL A 10 -1.54 1.21 -7.88
N ASN A 11 -0.46 1.93 -8.30
CA ASN A 11 0.78 1.24 -8.65
C ASN A 11 1.39 0.85 -7.32
N PRO A 12 2.09 -0.30 -7.12
CA PRO A 12 2.64 -0.60 -5.81
C PRO A 12 3.81 0.30 -5.45
N LEU A 13 3.52 1.58 -5.13
CA LEU A 13 4.56 2.46 -4.60
C LEU A 13 4.61 2.23 -3.11
N GLY A 14 3.45 2.38 -2.39
CA GLY A 14 3.41 2.18 -0.95
C GLY A 14 2.61 0.93 -0.65
N ARG A 15 2.83 0.32 0.54
CA ARG A 15 2.13 -0.91 0.91
C ARG A 15 1.48 -0.81 2.29
N GLU A 16 0.19 -0.40 2.40
CA GLU A 16 -0.54 -0.46 3.68
C GLU A 16 -1.83 -1.19 3.46
N ILE A 17 -2.31 -2.01 4.44
CA ILE A 17 -3.68 -2.51 4.36
C ILE A 17 -4.58 -1.40 4.83
N GLN A 18 -5.75 -1.16 4.18
CA GLN A 18 -6.60 -0.03 4.55
C GLN A 18 -8.04 -0.38 4.29
N GLY A 19 -9.02 0.36 4.85
CA GLY A 19 -10.42 0.04 4.59
C GLY A 19 -10.73 0.31 3.14
N GLY A 1 1.64 3.00 2.07
CA GLY A 1 2.80 3.64 2.71
C GLY A 1 3.34 2.99 3.98
N ALA A 2 3.50 1.64 4.06
CA ALA A 2 4.16 0.98 5.17
C ALA A 2 4.97 -0.16 4.60
N PHE A 3 5.59 -1.04 5.43
CA PHE A 3 6.49 -2.05 4.88
C PHE A 3 5.78 -3.13 4.10
N VAL A 4 4.48 -3.41 4.33
CA VAL A 4 3.83 -4.52 3.63
C VAL A 4 2.33 -4.34 3.61
N GLY A 5 1.61 -4.85 2.57
CA GLY A 5 0.16 -4.71 2.54
C GLY A 5 -0.38 -4.76 1.12
N GLN A 6 -0.78 -3.61 0.53
CA GLN A 6 -1.44 -3.63 -0.79
C GLN A 6 -1.28 -2.25 -1.41
N PRO A 7 -1.36 -1.98 -2.74
CA PRO A 7 -0.99 -0.66 -3.25
C PRO A 7 -1.76 0.46 -2.58
N GLU A 8 -1.08 1.57 -2.20
CA GLU A 8 -1.80 2.66 -1.53
C GLU A 8 -2.63 3.39 -2.57
N ALA A 9 -2.00 3.97 -3.62
CA ALA A 9 -2.79 4.65 -4.65
C ALA A 9 -3.27 3.63 -5.67
N VAL A 10 -2.35 2.92 -6.37
CA VAL A 10 -2.74 1.97 -7.41
C VAL A 10 -1.51 1.23 -7.92
N ASN A 11 -0.44 1.95 -8.33
CA ASN A 11 0.80 1.26 -8.68
C ASN A 11 1.41 0.85 -7.36
N PRO A 12 2.11 -0.29 -7.18
CA PRO A 12 2.65 -0.62 -5.86
C PRO A 12 3.81 0.27 -5.48
N LEU A 13 3.54 1.55 -5.16
CA LEU A 13 4.57 2.43 -4.62
C LEU A 13 4.61 2.17 -3.12
N GLY A 14 3.45 2.30 -2.42
CA GLY A 14 3.41 2.10 -0.97
C GLY A 14 2.62 0.85 -0.66
N ARG A 15 2.79 0.28 0.56
CA ARG A 15 2.11 -0.96 0.94
C ARG A 15 1.45 -0.85 2.30
N GLU A 16 0.18 -0.38 2.40
CA GLU A 16 -0.57 -0.40 3.68
C GLU A 16 -1.87 -1.14 3.46
N ILE A 17 -2.33 -1.99 4.42
CA ILE A 17 -3.70 -2.49 4.36
C ILE A 17 -4.59 -1.39 4.86
N GLN A 18 -5.77 -1.14 4.25
CA GLN A 18 -6.63 -0.03 4.64
C GLN A 18 -8.08 -0.39 4.39
N GLY A 19 -9.05 0.33 5.00
CA GLY A 19 -10.45 0.02 4.74
C GLY A 19 -10.86 0.64 3.42
N GLY A 1 1.60 3.03 2.12
CA GLY A 1 2.72 3.71 2.79
C GLY A 1 3.29 3.04 4.04
N ALA A 2 3.53 1.71 4.05
CA ALA A 2 4.20 1.04 5.17
C ALA A 2 4.98 -0.13 4.61
N PHE A 3 5.62 -0.98 5.45
CA PHE A 3 6.49 -2.01 4.92
C PHE A 3 5.76 -3.06 4.11
N VAL A 4 4.46 -3.34 4.35
CA VAL A 4 3.80 -4.44 3.63
C VAL A 4 2.31 -4.25 3.61
N GLY A 5 1.58 -4.78 2.58
CA GLY A 5 0.12 -4.65 2.54
C GLY A 5 -0.38 -4.74 1.13
N GLN A 6 -0.80 -3.60 0.51
CA GLN A 6 -1.41 -3.63 -0.83
C GLN A 6 -1.26 -2.25 -1.45
N PRO A 7 -1.32 -1.98 -2.78
CA PRO A 7 -0.96 -0.65 -3.26
C PRO A 7 -1.76 0.45 -2.59
N GLU A 8 -1.09 1.56 -2.16
CA GLU A 8 -1.82 2.64 -1.49
C GLU A 8 -2.63 3.37 -2.54
N ALA A 9 -1.99 3.94 -3.59
CA ALA A 9 -2.76 4.63 -4.62
C ALA A 9 -3.27 3.62 -5.63
N VAL A 10 -2.36 2.89 -6.32
CA VAL A 10 -2.77 1.93 -7.36
C VAL A 10 -1.55 1.19 -7.88
N ASN A 11 -0.46 1.89 -8.28
CA ASN A 11 0.78 1.22 -8.62
C ASN A 11 1.39 0.83 -7.30
N PRO A 12 2.10 -0.32 -7.10
CA PRO A 12 2.65 -0.62 -5.78
C PRO A 12 3.81 0.28 -5.44
N LEU A 13 3.53 1.57 -5.11
CA LEU A 13 4.57 2.46 -4.58
C LEU A 13 4.60 2.23 -3.08
N GLY A 14 3.46 2.40 -2.39
CA GLY A 14 3.41 2.21 -0.94
C GLY A 14 2.61 0.95 -0.64
N ARG A 15 2.84 0.32 0.54
CA ARG A 15 2.14 -0.91 0.90
C ARG A 15 1.49 -0.81 2.27
N GLU A 16 0.19 -0.41 2.39
CA GLU A 16 -0.54 -0.48 3.66
C GLU A 16 -1.83 -1.22 3.43
N ILE A 17 -2.34 -2.00 4.42
CA ILE A 17 -3.71 -2.50 4.34
C ILE A 17 -4.59 -1.37 4.82
N GLN A 18 -5.76 -1.12 4.19
CA GLN A 18 -6.59 0.03 4.57
C GLN A 18 -8.05 -0.32 4.33
N GLY A 19 -9.00 0.46 4.91
CA GLY A 19 -10.41 0.17 4.68
C GLY A 19 -10.82 0.70 3.34
#